data_7BJS
#
_entry.id   7BJS
#
_cell.length_a   28.770
_cell.length_b   33.490
_cell.length_c   126.000
_cell.angle_alpha   90.000
_cell.angle_beta   94.580
_cell.angle_gamma   90.000
#
_symmetry.space_group_name_H-M   'P 1 21 1'
#
loop_
_entity.id
_entity.type
_entity.pdbx_description
1 polymer 'Kinesin heavy chain'
2 polymer SD21996p
3 water water
#
loop_
_entity_poly.entity_id
_entity_poly.type
_entity_poly.pdbx_seq_one_letter_code
_entity_poly.pdbx_strand_id
1 'polypeptide(L)'
;SMSFLENNLDQLTKVHKQLVRDNADLRCELPKLEKRLRCTMERVKALETALKEAKEGAMRDRKRYQYEVDRIKEAVRQKH
LGRRGPQAQ
;
A,B
2 'polypeptide(L)'
;SMGRSIFSSDTMMKFNIIRNELHNIMNTQLKRAESEVAALNRRIQLLEEDLERSEERLGSATAKLSEASQAADESERARK
ILENR
;
C
#
# COMPACT_ATOMS: atom_id res chain seq x y z
N SER A 3 -27.41 18.82 30.12
CA SER A 3 -28.26 17.94 29.34
C SER A 3 -27.50 16.73 28.84
N PHE A 4 -28.14 15.56 28.90
CA PHE A 4 -27.50 14.32 28.46
C PHE A 4 -27.23 14.34 26.96
N LEU A 5 -28.20 14.80 26.16
CA LEU A 5 -28.05 14.80 24.71
C LEU A 5 -26.91 15.70 24.25
N GLU A 6 -26.63 16.78 24.97
CA GLU A 6 -25.50 17.63 24.55
C GLU A 6 -24.17 17.00 24.93
N ASN A 7 -24.12 16.27 26.05
CA ASN A 7 -22.93 15.47 26.34
C ASN A 7 -22.78 14.35 25.33
N ASN A 8 -23.90 13.79 24.87
CA ASN A 8 -23.86 12.74 23.86
C ASN A 8 -23.30 13.26 22.55
N LEU A 9 -23.81 14.42 22.09
CA LEU A 9 -23.31 14.99 20.84
C LEU A 9 -21.85 15.42 20.98
N ASP A 10 -21.47 15.93 22.15
CA ASP A 10 -20.08 16.32 22.36
C ASP A 10 -19.17 15.10 22.37
N GLN A 11 -19.66 13.96 22.86
CA GLN A 11 -18.88 12.73 22.77
C GLN A 11 -18.79 12.22 21.34
N LEU A 12 -19.91 12.30 20.61
CA LEU A 12 -19.90 11.92 19.20
C LEU A 12 -18.98 12.82 18.39
N THR A 13 -18.99 14.12 18.68
CA THR A 13 -18.04 15.04 18.04
C THR A 13 -16.61 14.58 18.26
N LYS A 14 -16.29 14.15 19.48
CA LYS A 14 -14.93 13.71 19.78
C LYS A 14 -14.57 12.47 18.98
N VAL A 15 -15.52 11.53 18.83
CA VAL A 15 -15.23 10.32 18.08
C VAL A 15 -14.98 10.65 16.61
N HIS A 16 -15.75 11.59 16.06
CA HIS A 16 -15.56 11.98 14.66
C HIS A 16 -14.24 12.71 14.46
N LYS A 17 -13.77 13.46 15.45
CA LYS A 17 -12.46 14.09 15.34
C LYS A 17 -11.37 13.03 15.18
N GLN A 18 -11.49 11.92 15.93
CA GLN A 18 -10.52 10.85 15.81
C GLN A 18 -10.66 10.13 14.47
N LEU A 19 -11.89 9.93 14.00
CA LEU A 19 -12.08 9.27 12.71
C LEU A 19 -11.59 10.14 11.57
N VAL A 20 -11.73 11.46 11.68
CA VAL A 20 -11.23 12.36 10.64
C VAL A 20 -9.72 12.22 10.53
N ARG A 21 -9.02 12.14 11.67
CA ARG A 21 -7.58 11.99 11.66
C ARG A 21 -7.17 10.60 11.18
N ASP A 22 -7.93 9.57 11.56
CA ASP A 22 -7.66 8.24 11.05
C ASP A 22 -7.88 8.18 9.54
N ASN A 23 -8.95 8.80 9.06
CA ASN A 23 -9.23 8.81 7.62
C ASN A 23 -8.18 9.61 6.86
N ALA A 24 -7.75 10.74 7.43
CA ALA A 24 -6.73 11.56 6.78
C ALA A 24 -5.41 10.82 6.66
N ASP A 25 -5.06 10.02 7.66
CA ASP A 25 -3.83 9.22 7.59
C ASP A 25 -3.91 8.19 6.48
N LEU A 26 -5.05 7.48 6.37
CA LEU A 26 -5.19 6.45 5.35
C LEU A 26 -5.20 7.04 3.95
N ARG A 27 -5.85 8.19 3.77
CA ARG A 27 -5.88 8.83 2.47
C ARG A 27 -4.51 9.35 2.06
N CYS A 28 -3.56 9.42 2.99
CA CYS A 28 -2.20 9.84 2.70
C CYS A 28 -1.25 8.67 2.44
N GLU A 29 -1.45 7.54 3.13
CA GLU A 29 -0.55 6.41 2.96
C GLU A 29 -0.83 5.59 1.71
N LEU A 30 -2.09 5.53 1.25
CA LEU A 30 -2.38 4.68 0.09
C LEU A 30 -1.78 5.22 -1.19
N PRO A 31 -1.95 6.51 -1.55
CA PRO A 31 -1.25 7.02 -2.73
C PRO A 31 0.27 6.99 -2.57
N LYS A 32 0.77 7.21 -1.36
CA LYS A 32 2.22 7.13 -1.15
C LYS A 32 2.75 5.72 -1.38
N LEU A 33 1.97 4.71 -1.02
CA LEU A 33 2.43 3.33 -1.24
C LEU A 33 2.41 2.97 -2.72
N GLU A 34 1.43 3.47 -3.47
CA GLU A 34 1.45 3.26 -4.91
C GLU A 34 2.69 3.88 -5.52
N LYS A 35 3.02 5.11 -5.11
CA LYS A 35 4.22 5.77 -5.61
C LYS A 35 5.47 4.99 -5.25
N ARG A 36 5.54 4.46 -4.03
CA ARG A 36 6.69 3.66 -3.64
C ARG A 36 6.76 2.35 -4.42
N LEU A 37 5.60 1.73 -4.69
CA LEU A 37 5.59 0.54 -5.53
C LEU A 37 5.99 0.86 -6.97
N ARG A 38 5.57 2.03 -7.47
CA ARG A 38 5.95 2.42 -8.82
C ARG A 38 7.45 2.66 -8.92
N CYS A 39 8.05 3.22 -7.86
CA CYS A 39 9.48 3.49 -7.89
C CYS A 39 10.28 2.21 -7.75
N THR A 40 9.70 1.19 -7.12
CA THR A 40 10.33 -0.13 -7.07
C THR A 40 10.34 -0.79 -8.44
N MET A 41 9.23 -0.70 -9.17
CA MET A 41 9.16 -1.36 -10.47
C MET A 41 10.09 -0.70 -11.48
N GLU A 42 10.36 0.60 -11.34
CA GLU A 42 11.37 1.25 -12.17
C GLU A 42 12.75 0.69 -11.88
N ARG A 43 13.05 0.43 -10.61
CA ARG A 43 14.34 -0.15 -10.26
C ARG A 43 14.45 -1.59 -10.76
N VAL A 44 13.34 -2.32 -10.75
CA VAL A 44 13.36 -3.69 -11.26
C VAL A 44 13.54 -3.70 -12.77
N LYS A 45 12.89 -2.77 -13.47
CA LYS A 45 13.04 -2.71 -14.93
C LYS A 45 14.49 -2.41 -15.29
N ALA A 46 15.14 -1.51 -14.56
CA ALA A 46 16.55 -1.23 -14.80
C ALA A 46 17.40 -2.45 -14.49
N LEU A 47 17.04 -3.20 -13.45
CA LEU A 47 17.73 -4.44 -13.14
C LEU A 47 17.54 -5.48 -14.23
N GLU A 48 16.36 -5.51 -14.87
CA GLU A 48 16.09 -6.52 -15.88
C GLU A 48 16.92 -6.26 -17.13
N THR A 49 17.06 -4.98 -17.52
CA THR A 49 17.93 -4.65 -18.64
C THR A 49 19.40 -4.83 -18.29
N ALA A 50 19.77 -4.60 -17.03
CA ALA A 50 21.14 -4.84 -16.61
C ALA A 50 21.46 -6.34 -16.62
N LEU A 51 20.46 -7.19 -16.43
CA LEU A 51 20.69 -8.63 -16.49
C LEU A 51 20.90 -9.08 -17.94
N LYS A 52 20.15 -8.49 -18.87
CA LYS A 52 20.31 -8.87 -20.27
C LYS A 52 21.65 -8.39 -20.82
N GLU A 53 22.13 -7.25 -20.33
CA GLU A 53 23.47 -6.78 -20.69
C GLU A 53 24.53 -7.73 -20.12
N ALA A 54 24.29 -8.27 -18.92
CA ALA A 54 25.23 -9.20 -18.32
C ALA A 54 25.14 -10.56 -18.98
N LYS A 55 23.95 -10.96 -19.44
CA LYS A 55 23.80 -12.25 -20.11
C LYS A 55 24.53 -12.25 -21.45
N GLU A 56 24.39 -11.17 -22.22
CA GLU A 56 25.14 -11.09 -23.47
C GLU A 56 26.64 -11.02 -23.21
N GLY A 57 27.04 -10.38 -22.11
CA GLY A 57 28.45 -10.37 -21.75
C GLY A 57 28.97 -11.73 -21.34
N ALA A 58 28.10 -12.58 -20.79
CA ALA A 58 28.53 -13.90 -20.35
C ALA A 58 28.83 -14.85 -21.50
N MET A 59 28.06 -14.80 -22.60
CA MET A 59 28.34 -15.70 -23.71
C MET A 59 29.31 -15.08 -24.71
N ARG A 60 29.51 -13.76 -24.65
CA ARG A 60 30.68 -13.19 -25.31
C ARG A 60 31.94 -13.76 -24.70
N ASP A 61 31.87 -14.14 -23.42
CA ASP A 61 32.96 -14.80 -22.72
C ASP A 61 32.95 -16.30 -22.98
N ARG A 62 31.77 -16.88 -23.26
CA ARG A 62 31.70 -18.32 -23.54
C ARG A 62 32.25 -18.64 -24.93
N LYS A 63 32.02 -17.77 -25.90
CA LYS A 63 32.67 -17.95 -27.20
C LYS A 63 34.14 -17.57 -27.15
N ARG A 64 34.56 -16.83 -26.12
CA ARG A 64 35.96 -16.51 -25.91
C ARG A 64 36.71 -17.69 -25.31
N TYR A 65 36.10 -18.36 -24.32
CA TYR A 65 36.74 -19.52 -23.71
C TYR A 65 36.88 -20.66 -24.72
N GLN A 66 35.89 -20.85 -25.57
CA GLN A 66 35.98 -21.86 -26.62
C GLN A 66 37.05 -21.49 -27.66
N TYR A 67 37.39 -20.21 -27.79
CA TYR A 67 38.45 -19.80 -28.69
C TYR A 67 39.82 -19.83 -28.05
N GLU A 68 39.90 -19.69 -26.73
CA GLU A 68 41.17 -19.91 -26.04
C GLU A 68 41.50 -21.39 -25.90
N VAL A 69 40.55 -22.28 -26.22
CA VAL A 69 40.74 -23.72 -26.11
C VAL A 69 41.07 -24.30 -27.48
N ASP A 70 40.47 -23.73 -28.53
CA ASP A 70 40.73 -24.22 -29.89
C ASP A 70 42.09 -23.78 -30.42
N ARG A 71 42.90 -23.13 -29.59
CA ARG A 71 44.22 -22.66 -29.99
C ARG A 71 45.27 -23.16 -29.03
N SER B 3 -29.91 26.06 16.67
CA SER B 3 -30.18 25.74 18.07
C SER B 3 -28.95 25.10 18.73
N PHE B 4 -27.80 25.29 18.09
CA PHE B 4 -26.53 24.74 18.55
C PHE B 4 -26.50 23.22 18.62
N LEU B 5 -27.53 22.61 19.21
CA LEU B 5 -27.62 21.16 19.18
C LEU B 5 -27.87 20.66 17.76
N GLU B 6 -28.61 21.46 16.98
CA GLU B 6 -28.91 21.09 15.60
C GLU B 6 -27.74 21.38 14.66
N ASN B 7 -27.00 22.46 14.91
CA ASN B 7 -25.80 22.69 14.12
C ASN B 7 -24.73 21.63 14.42
N ASN B 8 -24.63 21.23 15.68
CA ASN B 8 -23.66 20.18 16.04
C ASN B 8 -24.04 18.87 15.38
N LEU B 9 -25.32 18.48 15.48
CA LEU B 9 -25.76 17.23 14.87
C LEU B 9 -25.72 17.30 13.35
N ASP B 10 -26.06 18.44 12.77
CA ASP B 10 -25.99 18.57 11.31
C ASP B 10 -24.56 18.51 10.81
N GLN B 11 -23.60 19.02 11.59
CA GLN B 11 -22.20 18.88 11.21
C GLN B 11 -21.72 17.45 11.36
N LEU B 12 -22.13 16.78 12.44
CA LEU B 12 -21.79 15.37 12.61
C LEU B 12 -22.35 14.53 11.47
N THR B 13 -23.60 14.80 11.07
CA THR B 13 -24.17 14.15 9.91
C THR B 13 -23.32 14.37 8.66
N LYS B 14 -22.91 15.62 8.43
CA LYS B 14 -22.16 15.95 7.21
C LYS B 14 -20.79 15.29 7.20
N VAL B 15 -20.07 15.32 8.33
CA VAL B 15 -18.74 14.73 8.36
C VAL B 15 -18.83 13.21 8.25
N HIS B 16 -19.86 12.61 8.86
CA HIS B 16 -19.98 11.15 8.82
C HIS B 16 -20.26 10.66 7.41
N LYS B 17 -21.08 11.36 6.64
CA LYS B 17 -21.30 10.98 5.26
C LYS B 17 -20.02 11.11 4.44
N GLN B 18 -19.20 12.13 4.75
CA GLN B 18 -17.94 12.30 4.04
C GLN B 18 -16.97 11.18 4.36
N LEU B 19 -16.95 10.72 5.61
CA LEU B 19 -16.06 9.63 5.97
C LEU B 19 -16.51 8.31 5.35
N VAL B 20 -17.83 8.11 5.25
CA VAL B 20 -18.36 6.89 4.64
C VAL B 20 -17.98 6.82 3.16
N ARG B 21 -18.07 7.95 2.46
CA ARG B 21 -17.71 7.95 1.05
C ARG B 21 -16.21 7.83 0.86
N ASP B 22 -15.42 8.42 1.77
CA ASP B 22 -13.98 8.24 1.73
C ASP B 22 -13.59 6.78 1.98
N ASN B 23 -14.29 6.11 2.89
CA ASN B 23 -13.99 4.70 3.16
C ASN B 23 -14.29 3.84 1.95
N ALA B 24 -15.35 4.15 1.21
CA ALA B 24 -15.65 3.39 -0.01
C ALA B 24 -14.53 3.56 -1.03
N ASP B 25 -13.96 4.75 -1.10
CA ASP B 25 -12.81 4.97 -1.98
C ASP B 25 -11.60 4.18 -1.50
N LEU B 26 -11.37 4.17 -0.18
CA LEU B 26 -10.22 3.43 0.34
C LEU B 26 -10.38 1.93 0.14
N ARG B 27 -11.60 1.42 0.30
CA ARG B 27 -11.83 -0.01 0.11
C ARG B 27 -11.73 -0.45 -1.35
N CYS B 28 -11.83 0.48 -2.31
CA CYS B 28 -11.72 0.09 -3.72
C CYS B 28 -10.31 0.28 -4.26
N GLU B 29 -9.60 1.31 -3.79
CA GLU B 29 -8.24 1.55 -4.25
C GLU B 29 -7.25 0.58 -3.64
N LEU B 30 -7.56 0.02 -2.47
CA LEU B 30 -6.67 -0.87 -1.73
C LEU B 30 -6.42 -2.20 -2.45
N PRO B 31 -7.45 -2.88 -2.99
CA PRO B 31 -7.15 -4.10 -3.76
C PRO B 31 -6.29 -3.84 -4.98
N LYS B 32 -6.44 -2.67 -5.62
CA LYS B 32 -5.56 -2.34 -6.73
C LYS B 32 -4.12 -2.25 -6.26
N LEU B 33 -3.92 -1.80 -5.02
CA LEU B 33 -2.58 -1.72 -4.44
C LEU B 33 -2.05 -3.11 -4.12
N GLU B 34 -2.92 -4.00 -3.65
CA GLU B 34 -2.52 -5.39 -3.41
C GLU B 34 -2.10 -6.07 -4.72
N LYS B 35 -2.88 -5.87 -5.78
CA LYS B 35 -2.52 -6.45 -7.08
C LYS B 35 -1.19 -5.89 -7.58
N ARG B 36 -0.97 -4.58 -7.40
CA ARG B 36 0.29 -3.99 -7.82
C ARG B 36 1.45 -4.52 -6.99
N LEU B 37 1.24 -4.71 -5.69
CA LEU B 37 2.29 -5.30 -4.87
C LEU B 37 2.54 -6.75 -5.25
N ARG B 38 1.48 -7.49 -5.58
CA ARG B 38 1.65 -8.88 -5.97
C ARG B 38 2.38 -9.01 -7.30
N CYS B 39 2.08 -8.11 -8.25
CA CYS B 39 2.72 -8.19 -9.56
C CYS B 39 4.16 -7.71 -9.50
N THR B 40 4.49 -6.82 -8.56
CA THR B 40 5.87 -6.38 -8.40
C THR B 40 6.74 -7.51 -7.87
N MET B 41 6.28 -8.21 -6.83
CA MET B 41 7.08 -9.28 -6.25
C MET B 41 7.14 -10.50 -7.18
N GLU B 42 6.12 -10.68 -8.02
CA GLU B 42 6.19 -11.72 -9.04
C GLU B 42 7.29 -11.41 -10.05
N ARG B 43 7.42 -10.15 -10.44
CA ARG B 43 8.47 -9.76 -11.38
C ARG B 43 9.85 -9.85 -10.73
N VAL B 44 9.94 -9.57 -9.44
CA VAL B 44 11.23 -9.64 -8.75
C VAL B 44 11.69 -11.09 -8.63
N LYS B 45 10.78 -12.01 -8.29
CA LYS B 45 11.15 -13.41 -8.19
C LYS B 45 11.54 -13.98 -9.54
N ALA B 46 10.83 -13.60 -10.60
CA ALA B 46 11.19 -14.07 -11.93
C ALA B 46 12.56 -13.55 -12.34
N LEU B 47 12.88 -12.30 -11.97
CA LEU B 47 14.22 -11.77 -12.22
C LEU B 47 15.26 -12.51 -11.40
N GLU B 48 14.90 -12.92 -10.19
CA GLU B 48 15.87 -13.54 -9.28
C GLU B 48 16.25 -14.94 -9.73
N THR B 49 15.27 -15.75 -10.17
CA THR B 49 15.60 -17.07 -10.69
C THR B 49 16.32 -16.99 -12.03
N ALA B 50 16.00 -15.98 -12.83
CA ALA B 50 16.73 -15.77 -14.08
C ALA B 50 18.17 -15.34 -13.81
N LEU B 51 18.40 -14.69 -12.66
CA LEU B 51 19.75 -14.30 -12.30
C LEU B 51 20.60 -15.50 -11.90
N LYS B 52 20.03 -16.47 -11.16
CA LYS B 52 20.80 -17.65 -10.78
C LYS B 52 21.06 -18.54 -11.97
N GLU B 53 20.12 -18.60 -12.91
CA GLU B 53 20.34 -19.39 -14.10
C GLU B 53 21.49 -18.80 -14.90
N ALA B 54 21.59 -17.47 -14.93
CA ALA B 54 22.68 -16.83 -15.65
C ALA B 54 23.98 -16.87 -14.85
N LYS B 55 23.91 -16.73 -13.53
CA LYS B 55 25.14 -16.72 -12.73
C LYS B 55 25.78 -18.10 -12.68
N GLU B 56 24.98 -19.13 -12.34
CA GLU B 56 25.50 -20.49 -12.35
C GLU B 56 25.78 -20.99 -13.75
N GLY B 57 25.01 -20.53 -14.75
CA GLY B 57 25.32 -20.88 -16.12
C GLY B 57 26.62 -20.27 -16.59
N ALA B 58 26.95 -19.08 -16.08
CA ALA B 58 28.25 -18.49 -16.36
C ALA B 58 29.36 -19.22 -15.63
N MET B 59 29.07 -19.78 -14.46
CA MET B 59 30.10 -20.48 -13.70
C MET B 59 30.25 -21.92 -14.18
N ARG B 60 29.24 -22.46 -14.85
CA ARG B 60 29.39 -23.73 -15.55
C ARG B 60 30.31 -23.61 -16.76
N ASP B 61 30.33 -22.44 -17.41
CA ASP B 61 31.13 -22.26 -18.61
C ASP B 61 32.58 -21.93 -18.30
N ARG B 62 32.86 -21.34 -17.14
CA ARG B 62 34.23 -21.14 -16.70
C ARG B 62 34.87 -22.47 -16.29
N LYS B 63 34.04 -23.46 -15.92
CA LYS B 63 34.50 -24.80 -15.58
C LYS B 63 35.12 -25.55 -16.76
N ARG B 64 35.00 -25.02 -17.97
CA ARG B 64 35.66 -25.65 -19.13
C ARG B 64 37.16 -25.33 -19.11
N SER C 9 32.57 -4.31 -18.55
CA SER C 9 33.15 -4.72 -17.27
C SER C 9 33.12 -6.24 -17.13
N ASP C 10 33.53 -6.72 -15.96
CA ASP C 10 33.58 -8.15 -15.71
C ASP C 10 32.17 -8.72 -15.58
N THR C 11 31.99 -9.94 -16.08
CA THR C 11 30.66 -10.55 -16.12
C THR C 11 30.20 -10.95 -14.73
N MET C 12 31.04 -11.69 -13.99
CA MET C 12 30.66 -12.14 -12.65
C MET C 12 30.45 -10.96 -11.70
N MET C 13 31.17 -9.86 -11.93
CA MET C 13 30.90 -8.65 -11.16
C MET C 13 29.52 -8.10 -11.47
N LYS C 14 29.08 -8.20 -12.73
CA LYS C 14 27.77 -7.69 -13.12
C LYS C 14 26.65 -8.46 -12.43
N PHE C 15 26.77 -9.79 -12.33
CA PHE C 15 25.73 -10.58 -11.70
C PHE C 15 25.60 -10.24 -10.21
N ASN C 16 26.73 -10.08 -9.53
CA ASN C 16 26.70 -9.80 -8.10
C ASN C 16 26.21 -8.38 -7.83
N ILE C 17 26.44 -7.44 -8.76
CA ILE C 17 25.87 -6.11 -8.64
C ILE C 17 24.34 -6.20 -8.68
N ILE C 18 23.81 -6.97 -9.63
CA ILE C 18 22.36 -7.12 -9.74
C ILE C 18 21.80 -7.84 -8.53
N ARG C 19 22.48 -8.90 -8.07
CA ARG C 19 22.03 -9.62 -6.89
C ARG C 19 21.95 -8.70 -5.68
N ASN C 20 22.98 -7.87 -5.48
CA ASN C 20 23.02 -7.00 -4.31
C ASN C 20 21.88 -5.99 -4.33
N GLU C 21 21.69 -5.30 -5.45
CA GLU C 21 20.59 -4.33 -5.53
C GLU C 21 19.24 -5.02 -5.44
N LEU C 22 19.09 -6.17 -6.10
CA LEU C 22 17.86 -6.94 -5.97
C LEU C 22 17.62 -7.36 -4.53
N HIS C 23 18.69 -7.66 -3.80
CA HIS C 23 18.56 -7.96 -2.37
C HIS C 23 18.06 -6.74 -1.60
N ASN C 24 18.54 -5.56 -1.95
CA ASN C 24 18.11 -4.34 -1.26
C ASN C 24 16.65 -4.04 -1.53
N ILE C 25 16.15 -4.38 -2.72
CA ILE C 25 14.74 -4.12 -3.04
C ILE C 25 13.83 -5.04 -2.25
N MET C 26 14.16 -6.32 -2.18
CA MET C 26 13.35 -7.27 -1.43
C MET C 26 13.42 -6.99 0.07
N ASN C 27 14.63 -6.76 0.59
CA ASN C 27 14.83 -6.66 2.03
C ASN C 27 14.35 -5.33 2.60
N THR C 28 14.18 -4.30 1.78
CA THR C 28 13.75 -3.01 2.32
C THR C 28 12.36 -2.63 1.83
N GLN C 29 12.24 -2.21 0.57
CA GLN C 29 10.97 -1.68 0.10
C GLN C 29 9.91 -2.78 -0.01
N LEU C 30 10.27 -3.92 -0.61
CA LEU C 30 9.28 -4.99 -0.80
C LEU C 30 8.85 -5.60 0.53
N LYS C 31 9.80 -5.79 1.45
CA LYS C 31 9.46 -6.32 2.76
C LYS C 31 8.53 -5.37 3.51
N ARG C 32 8.88 -4.08 3.54
CA ARG C 32 8.04 -3.10 4.22
C ARG C 32 6.67 -2.98 3.57
N ALA C 33 6.62 -3.11 2.24
CA ALA C 33 5.35 -2.96 1.53
C ALA C 33 4.36 -4.03 1.93
N GLU C 34 4.84 -5.26 2.19
CA GLU C 34 3.92 -6.35 2.51
C GLU C 34 3.22 -6.10 3.84
N SER C 35 3.99 -5.77 4.89
CA SER C 35 3.39 -5.54 6.20
C SER C 35 2.59 -4.23 6.24
N GLU C 36 2.88 -3.29 5.34
CA GLU C 36 2.12 -2.05 5.31
C GLU C 36 0.74 -2.28 4.70
N VAL C 37 0.68 -3.02 3.58
CA VAL C 37 -0.62 -3.33 2.97
C VAL C 37 -1.48 -4.14 3.92
N ALA C 38 -0.86 -5.02 4.73
CA ALA C 38 -1.61 -5.77 5.73
C ALA C 38 -2.20 -4.83 6.78
N ALA C 39 -1.39 -3.89 7.27
CA ALA C 39 -1.87 -2.93 8.25
C ALA C 39 -2.92 -2.01 7.64
N LEU C 40 -2.65 -1.50 6.44
CA LEU C 40 -3.60 -0.60 5.78
C LEU C 40 -4.96 -1.26 5.59
N ASN C 41 -4.97 -2.52 5.13
CA ASN C 41 -6.22 -3.24 4.96
C ASN C 41 -6.96 -3.38 6.27
N ARG C 42 -6.25 -3.72 7.35
CA ARG C 42 -6.90 -3.88 8.64
C ARG C 42 -7.38 -2.54 9.20
N ARG C 43 -6.62 -1.46 8.98
CA ARG C 43 -7.01 -0.15 9.49
C ARG C 43 -8.22 0.38 8.74
N ILE C 44 -8.31 0.11 7.44
CA ILE C 44 -9.47 0.56 6.66
C ILE C 44 -10.74 -0.14 7.15
N GLN C 45 -10.64 -1.43 7.44
CA GLN C 45 -11.81 -2.17 7.93
C GLN C 45 -12.20 -1.72 9.33
N LEU C 46 -11.21 -1.46 10.18
CA LEU C 46 -11.52 -0.98 11.54
C LEU C 46 -12.17 0.39 11.50
N LEU C 47 -11.70 1.28 10.62
CA LEU C 47 -12.33 2.58 10.46
C LEU C 47 -13.79 2.44 10.04
N GLU C 48 -14.05 1.56 9.07
CA GLU C 48 -15.42 1.35 8.61
C GLU C 48 -16.30 0.81 9.73
N GLU C 49 -15.79 -0.14 10.51
CA GLU C 49 -16.53 -0.63 11.66
C GLU C 49 -16.86 0.51 12.63
N ASP C 50 -15.88 1.39 12.87
CA ASP C 50 -16.13 2.56 13.71
C ASP C 50 -17.20 3.45 13.11
N LEU C 51 -17.15 3.65 11.79
CA LEU C 51 -18.19 4.43 11.12
C LEU C 51 -19.54 3.74 11.25
N GLU C 52 -19.56 2.41 11.15
CA GLU C 52 -20.81 1.67 11.26
C GLU C 52 -21.35 1.68 12.69
N ARG C 53 -20.47 1.70 13.68
CA ARG C 53 -20.95 1.91 15.04
C ARG C 53 -21.38 3.36 15.24
N SER C 54 -20.78 4.27 14.48
CA SER C 54 -21.08 5.69 14.62
C SER C 54 -22.46 6.03 14.07
N GLU C 55 -22.87 5.40 12.96
CA GLU C 55 -24.15 5.73 12.35
C GLU C 55 -25.32 5.41 13.28
N GLU C 56 -25.25 4.28 13.99
CA GLU C 56 -26.33 3.90 14.89
C GLU C 56 -26.53 4.95 15.99
N ARG C 57 -25.43 5.51 16.49
CA ARG C 57 -25.52 6.57 17.49
C ARG C 57 -26.09 7.84 16.87
N LEU C 58 -25.58 8.24 15.70
CA LEU C 58 -26.09 9.43 15.03
C LEU C 58 -27.56 9.27 14.68
N GLY C 59 -27.99 8.06 14.31
CA GLY C 59 -29.40 7.82 14.05
C GLY C 59 -30.26 7.96 15.29
N SER C 60 -29.75 7.56 16.45
CA SER C 60 -30.50 7.68 17.69
C SER C 60 -30.52 9.12 18.20
N ALA C 61 -29.38 9.82 18.07
CA ALA C 61 -29.35 11.23 18.46
C ALA C 61 -30.21 12.08 17.54
N THR C 62 -30.33 11.69 16.26
CA THR C 62 -31.21 12.42 15.35
C THR C 62 -32.67 12.26 15.76
N ALA C 63 -33.06 11.06 16.20
CA ALA C 63 -34.43 10.86 16.66
C ALA C 63 -34.66 11.57 17.99
N LYS C 64 -33.65 11.61 18.86
CA LYS C 64 -33.82 12.24 20.16
C LYS C 64 -33.96 13.75 20.05
N LEU C 65 -33.24 14.37 19.10
CA LEU C 65 -33.34 15.81 18.94
C LEU C 65 -34.68 16.22 18.35
N SER C 66 -35.21 15.42 17.42
CA SER C 66 -36.49 15.74 16.80
C SER C 66 -37.62 15.59 17.81
N GLU C 67 -37.56 14.57 18.68
CA GLU C 67 -38.55 14.42 19.74
C GLU C 67 -38.49 15.60 20.70
N ALA C 68 -37.29 16.11 20.98
CA ALA C 68 -37.16 17.27 21.84
C ALA C 68 -37.65 18.54 21.14
N SER C 69 -37.50 18.61 19.82
CA SER C 69 -38.01 19.77 19.08
C SER C 69 -39.53 19.81 19.12
N GLN C 70 -40.18 18.66 19.00
CA GLN C 70 -41.64 18.61 19.09
C GLN C 70 -42.12 18.82 20.52
N ALA C 71 -41.33 18.38 21.50
CA ALA C 71 -41.70 18.58 22.90
C ALA C 71 -41.44 20.00 23.38
N ALA C 72 -40.55 20.74 22.71
CA ALA C 72 -40.33 22.14 23.05
C ALA C 72 -41.53 23.00 22.68
N ASP C 73 -42.33 22.57 21.71
CA ASP C 73 -43.50 23.34 21.30
C ASP C 73 -44.70 23.09 22.22
N GLU C 74 -44.82 21.89 22.78
CA GLU C 74 -45.98 21.56 23.60
C GLU C 74 -45.88 22.13 25.01
N SER C 75 -44.67 22.35 25.51
CA SER C 75 -44.48 22.86 26.86
C SER C 75 -44.98 24.29 26.99
#